data_5O8Z
#
_entry.id   5O8Z
#
_cell.length_a   37.392
_cell.length_b   54.266
_cell.length_c   54.986
_cell.angle_alpha   62.60
_cell.angle_beta   81.61
_cell.angle_gamma   79.66
#
_symmetry.space_group_name_H-M   'P 1'
#
loop_
_entity.id
_entity.type
_entity.pdbx_description
1 polymer 'Transcriptional regulatory protein RcsB'
2 non-polymer 'BERYLLIUM TRIFLUORIDE ION'
3 non-polymer 'MAGNESIUM ION'
4 water water
#
_entity_poly.entity_id   1
_entity_poly.type   'polypeptide(L)'
_entity_poly.pdbx_seq_one_letter_code
;MNNMNVIIADDHPIVLFGIRKSLEQIEWVNVVGEFEDSTALINNLPKLDAHVLITDLSMPGDKYGDGITLIKYIKRHFPS
LSIIVLTMNNNPAILSAVLDLDIEGIVLKQGAPTDLPKALAALQKGKKFTPESVSRLLEKISAGGYGDKRLSPKESEVLR
LFAEGFLVTEIAKKLNRSIKTISSQKKSAMMKLGVENDIALLNYLSSVTLSPTDKE
;
_entity_poly.pdbx_strand_id   A,B
#
# COMPACT_ATOMS: atom_id res chain seq x y z
N MET A 1 7.03 -34.22 4.19
CA MET A 1 7.95 -33.49 5.13
C MET A 1 7.30 -33.23 6.50
N ASN A 2 8.04 -32.59 7.41
CA ASN A 2 7.52 -32.22 8.73
C ASN A 2 6.39 -31.18 8.62
N ASN A 3 5.27 -31.45 9.29
CA ASN A 3 4.07 -30.62 9.21
C ASN A 3 4.24 -29.29 10.01
N MET A 4 3.92 -28.18 9.34
CA MET A 4 4.04 -26.82 9.90
C MET A 4 2.67 -26.13 10.07
N ASN A 5 2.40 -25.71 11.30
CA ASN A 5 1.26 -24.87 11.64
C ASN A 5 1.68 -23.41 11.42
N VAL A 6 0.93 -22.70 10.59
CA VAL A 6 1.31 -21.39 10.14
C VAL A 6 0.23 -20.39 10.55
N ILE A 7 0.68 -19.27 11.12
CA ILE A 7 -0.17 -18.15 11.40
C ILE A 7 0.18 -17.02 10.42
N ILE A 8 -0.85 -16.35 9.93
CA ILE A 8 -0.68 -15.29 8.96
C ILE A 8 -1.26 -14.01 9.56
N ALA A 9 -0.57 -12.90 9.31
CA ALA A 9 -1.04 -11.58 9.74
C ALA A 9 -0.79 -10.47 8.70
N ASP A 10 -1.84 -9.76 8.33
CA ASP A 10 -1.74 -8.63 7.41
C ASP A 10 -3.00 -7.82 7.54
N ASP A 11 -2.91 -6.49 7.52
CA ASP A 11 -4.14 -5.67 7.60
C ASP A 11 -4.99 -5.62 6.32
N HIS A 12 -4.55 -6.25 5.23
CA HIS A 12 -5.33 -6.33 4.00
C HIS A 12 -5.90 -7.74 3.78
N PRO A 13 -7.23 -7.95 3.97
CA PRO A 13 -7.76 -9.32 3.83
C PRO A 13 -7.52 -9.98 2.47
N ILE A 14 -7.43 -9.19 1.41
CA ILE A 14 -7.07 -9.71 0.11
C ILE A 14 -5.69 -10.39 0.13
N VAL A 15 -4.71 -9.82 0.84
CA VAL A 15 -3.39 -10.45 0.95
C VAL A 15 -3.48 -11.75 1.74
N LEU A 16 -4.28 -11.77 2.81
CA LEU A 16 -4.47 -12.96 3.64
C LEU A 16 -5.08 -14.05 2.79
N PHE A 17 -6.05 -13.69 1.99
CA PHE A 17 -6.58 -14.60 0.99
C PHE A 17 -5.49 -15.13 0.04
N GLY A 18 -4.64 -14.23 -0.45
CA GLY A 18 -3.57 -14.60 -1.38
C GLY A 18 -2.57 -15.57 -0.81
N ILE A 19 -2.24 -15.39 0.48
CA ILE A 19 -1.27 -16.24 1.15
C ILE A 19 -1.81 -17.66 1.27
N ARG A 20 -3.09 -17.79 1.68
CA ARG A 20 -3.75 -19.09 1.71
C ARG A 20 -3.71 -19.79 0.37
N LYS A 21 -4.03 -19.05 -0.69
CA LYS A 21 -3.94 -19.54 -2.07
C LYS A 21 -2.52 -20.00 -2.39
N SER A 22 -1.51 -19.20 -2.05
CA SER A 22 -0.14 -19.59 -2.32
C SER A 22 0.25 -20.90 -1.59
N LEU A 23 -0.29 -21.10 -0.38
CA LEU A 23 0.04 -22.25 0.43
C LEU A 23 -0.89 -23.47 0.35
N GLU A 24 -2.02 -23.32 -0.34
CA GLU A 24 -3.02 -24.39 -0.45
C GLU A 24 -2.46 -25.62 -1.19
N GLN A 25 -1.51 -25.35 -2.08
CA GLN A 25 -0.74 -26.37 -2.78
C GLN A 25 0.05 -27.29 -1.84
N ILE A 26 0.61 -26.73 -0.77
CA ILE A 26 1.60 -27.40 0.06
C ILE A 26 0.94 -28.30 1.11
N GLU A 27 1.07 -29.61 0.91
CA GLU A 27 0.50 -30.63 1.79
C GLU A 27 0.85 -30.46 3.28
N TRP A 28 2.12 -30.15 3.55
CA TRP A 28 2.64 -30.12 4.91
C TRP A 28 2.27 -28.81 5.68
N VAL A 29 1.78 -27.79 4.97
CA VAL A 29 1.34 -26.53 5.58
C VAL A 29 -0.11 -26.61 6.07
N ASN A 30 -0.33 -26.12 7.30
CA ASN A 30 -1.66 -25.98 7.87
C ASN A 30 -1.76 -24.57 8.44
N VAL A 31 -2.70 -23.78 7.93
CA VAL A 31 -2.92 -22.42 8.41
C VAL A 31 -3.85 -22.49 9.62
N VAL A 32 -3.33 -22.18 10.80
CA VAL A 32 -4.11 -22.25 12.06
C VAL A 32 -4.72 -20.91 12.54
N GLY A 33 -4.33 -19.79 11.93
CA GLY A 33 -5.00 -18.54 12.20
C GLY A 33 -4.64 -17.38 11.29
N GLU A 34 -5.58 -16.44 11.14
CA GLU A 34 -5.45 -15.24 10.31
C GLU A 34 -5.85 -13.97 11.08
N PHE A 35 -4.96 -12.98 11.09
CA PHE A 35 -5.13 -11.79 11.92
C PHE A 35 -4.81 -10.54 11.12
N GLU A 36 -5.53 -9.46 11.43
CA GLU A 36 -5.45 -8.22 10.70
C GLU A 36 -4.86 -7.05 11.52
N ASP A 37 -4.49 -7.31 12.77
CA ASP A 37 -3.83 -6.32 13.61
C ASP A 37 -2.96 -7.05 14.62
N SER A 38 -1.97 -6.35 15.19
CA SER A 38 -1.03 -7.01 16.08
C SER A 38 -1.60 -7.44 17.46
N THR A 39 -2.71 -6.84 17.88
CA THR A 39 -3.31 -7.16 19.18
C THR A 39 -3.97 -8.54 19.10
N ALA A 40 -4.74 -8.76 18.02
CA ALA A 40 -5.38 -10.06 17.81
C ALA A 40 -4.33 -11.13 17.59
N LEU A 41 -3.27 -10.80 16.85
CA LEU A 41 -2.17 -11.73 16.64
C LEU A 41 -1.55 -12.19 17.98
N ILE A 42 -1.07 -11.22 18.78
CA ILE A 42 -0.37 -11.55 20.03
C ILE A 42 -1.28 -12.27 21.02
N ASN A 43 -2.52 -11.83 21.13
CA ASN A 43 -3.48 -12.49 22.01
C ASN A 43 -3.67 -13.97 21.64
N ASN A 44 -3.66 -14.28 20.34
CA ASN A 44 -3.92 -15.63 19.86
C ASN A 44 -2.72 -16.57 19.71
N LEU A 45 -1.51 -16.04 19.55
CA LEU A 45 -0.30 -16.86 19.40
C LEU A 45 -0.10 -18.04 20.38
N PRO A 46 -0.31 -17.83 21.70
CA PRO A 46 -0.16 -18.97 22.63
C PRO A 46 -1.28 -20.03 22.53
N LYS A 47 -2.44 -19.67 21.97
CA LYS A 47 -3.59 -20.58 21.88
C LYS A 47 -3.61 -21.50 20.64
N LEU A 48 -2.64 -21.42 19.74
CA LEU A 48 -2.80 -22.09 18.44
C LEU A 48 -1.69 -23.05 17.99
N ASP A 49 -0.73 -23.35 18.86
CA ASP A 49 0.46 -24.14 18.48
C ASP A 49 1.01 -23.72 17.11
N ALA A 50 1.31 -22.44 16.99
CA ALA A 50 1.94 -21.91 15.82
C ALA A 50 3.40 -22.34 15.77
N HIS A 51 3.86 -22.68 14.58
CA HIS A 51 5.28 -22.99 14.34
C HIS A 51 5.97 -21.88 13.51
N VAL A 52 5.21 -21.29 12.59
CA VAL A 52 5.70 -20.26 11.70
C VAL A 52 4.70 -19.10 11.66
N LEU A 53 5.22 -17.89 11.70
CA LEU A 53 4.43 -16.69 11.50
C LEU A 53 4.86 -16.06 10.19
N ILE A 54 3.89 -15.76 9.35
CA ILE A 54 4.10 -15.00 8.14
C ILE A 54 3.40 -13.70 8.45
N THR A 55 4.16 -12.63 8.67
CA THR A 55 3.59 -11.35 9.11
C THR A 55 3.94 -10.17 8.24
N ASP A 56 2.98 -9.28 8.15
CA ASP A 56 3.14 -7.99 7.54
C ASP A 56 3.93 -7.06 8.47
N LEU A 57 4.60 -6.09 7.88
CA LEU A 57 5.38 -5.14 8.65
C LEU A 57 4.53 -3.98 9.18
N SER A 58 3.69 -3.39 8.32
CA SER A 58 2.81 -2.25 8.69
C SER A 58 1.39 -2.75 8.85
N MET A 59 0.89 -2.65 10.07
CA MET A 59 -0.46 -3.08 10.45
C MET A 59 -0.88 -2.24 11.65
N PRO A 60 -2.19 -2.08 11.88
CA PRO A 60 -2.63 -1.48 13.14
C PRO A 60 -2.29 -2.31 14.38
N GLY A 61 -2.33 -1.65 15.54
CA GLY A 61 -2.07 -2.28 16.83
C GLY A 61 -1.24 -1.37 17.72
N ASP A 62 -1.90 -0.61 18.60
CA ASP A 62 -1.16 0.32 19.44
C ASP A 62 -0.49 -0.39 20.60
N LYS A 63 -1.01 -1.55 20.99
CA LYS A 63 -0.58 -2.20 22.21
C LYS A 63 0.77 -2.89 22.07
N TYR A 64 0.95 -3.66 21.01
CA TYR A 64 2.25 -4.30 20.73
C TYR A 64 2.97 -3.70 19.50
N GLY A 65 2.32 -2.76 18.80
CA GLY A 65 2.94 -2.03 17.72
C GLY A 65 2.93 -2.85 16.44
N ASP A 66 3.79 -2.45 15.52
CA ASP A 66 4.03 -3.18 14.31
C ASP A 66 5.49 -3.02 13.99
N GLY A 67 5.89 -3.48 12.82
CA GLY A 67 7.25 -3.24 12.35
C GLY A 67 8.27 -3.92 13.22
N ILE A 68 9.37 -3.23 13.43
CA ILE A 68 10.45 -3.70 14.30
C ILE A 68 10.01 -3.96 15.73
N THR A 69 9.15 -3.10 16.27
CA THR A 69 8.72 -3.23 17.69
C THR A 69 8.03 -4.57 17.91
N LEU A 70 7.12 -4.89 17.01
CA LEU A 70 6.38 -6.15 17.05
C LEU A 70 7.30 -7.36 16.90
N ILE A 71 8.22 -7.29 15.96
CA ILE A 71 9.06 -8.44 15.67
C ILE A 71 9.94 -8.76 16.86
N LYS A 72 10.51 -7.71 17.46
CA LYS A 72 11.26 -7.83 18.71
C LYS A 72 10.42 -8.40 19.84
N TYR A 73 9.20 -7.88 20.00
CA TYR A 73 8.27 -8.40 21.00
C TYR A 73 8.00 -9.91 20.75
N ILE A 74 7.81 -10.31 19.50
CA ILE A 74 7.51 -11.71 19.19
C ILE A 74 8.73 -12.61 19.44
N LYS A 75 9.90 -12.16 19.01
CA LYS A 75 11.15 -12.88 19.28
C LYS A 75 11.36 -13.18 20.77
N ARG A 76 11.08 -12.19 21.62
CA ARG A 76 11.34 -12.27 23.05
C ARG A 76 10.34 -13.17 23.75
N HIS A 77 9.07 -13.05 23.39
CA HIS A 77 8.01 -13.79 24.06
C HIS A 77 7.71 -15.17 23.43
N PHE A 78 8.06 -15.38 22.15
CA PHE A 78 7.82 -16.66 21.45
C PHE A 78 9.07 -17.20 20.76
N PRO A 79 10.11 -17.55 21.53
CA PRO A 79 11.38 -17.97 20.92
C PRO A 79 11.42 -19.27 20.10
N SER A 80 10.37 -20.11 20.16
CA SER A 80 10.26 -21.32 19.34
CA SER A 80 10.29 -21.32 19.33
C SER A 80 9.64 -21.05 17.97
N LEU A 81 9.13 -19.84 17.77
CA LEU A 81 8.41 -19.45 16.57
C LEU A 81 9.37 -18.98 15.48
N SER A 82 9.19 -19.50 14.26
CA SER A 82 9.90 -19.01 13.08
C SER A 82 9.11 -17.83 12.45
N ILE A 83 9.81 -16.75 12.08
CA ILE A 83 9.17 -15.55 11.53
C ILE A 83 9.62 -15.30 10.08
N ILE A 84 8.65 -15.18 9.18
CA ILE A 84 8.87 -14.71 7.82
C ILE A 84 8.11 -13.39 7.68
N VAL A 85 8.81 -12.34 7.25
CA VAL A 85 8.18 -11.03 7.08
C VAL A 85 7.81 -10.89 5.63
N LEU A 86 6.55 -10.51 5.39
CA LEU A 86 6.02 -10.34 4.06
C LEU A 86 5.57 -8.90 3.97
N THR A 87 6.23 -8.11 3.12
CA THR A 87 6.04 -6.65 3.13
C THR A 87 6.20 -6.00 1.79
N MET A 88 5.42 -4.94 1.61
CA MET A 88 5.59 -4.03 0.49
C MET A 88 6.66 -2.97 0.74
N ASN A 89 7.12 -2.81 1.99
CA ASN A 89 8.19 -1.84 2.26
C ASN A 89 9.42 -2.12 1.40
N ASN A 90 9.93 -1.11 0.70
CA ASN A 90 11.12 -1.26 -0.14
C ASN A 90 12.19 -0.18 0.15
N ASN A 91 12.20 0.34 1.38
CA ASN A 91 13.22 1.28 1.83
C ASN A 91 14.42 0.46 2.34
N PRO A 92 15.63 0.66 1.78
CA PRO A 92 16.83 -0.06 2.25
C PRO A 92 17.13 0.01 3.77
N ALA A 93 16.95 1.19 4.36
CA ALA A 93 17.22 1.38 5.79
C ALA A 93 16.29 0.53 6.65
N ILE A 94 14.98 0.63 6.39
CA ILE A 94 13.99 -0.21 7.09
C ILE A 94 14.28 -1.69 6.93
N LEU A 95 14.54 -2.12 5.69
CA LEU A 95 14.74 -3.54 5.41
C LEU A 95 16.00 -4.03 6.10
N SER A 96 17.10 -3.29 5.98
CA SER A 96 18.33 -3.63 6.69
C SER A 96 18.13 -3.75 8.21
N ALA A 97 17.31 -2.87 8.78
CA ALA A 97 16.93 -2.95 10.21
C ALA A 97 16.10 -4.19 10.56
N VAL A 98 15.21 -4.59 9.66
CA VAL A 98 14.42 -5.81 9.86
C VAL A 98 15.35 -7.01 9.78
N LEU A 99 16.26 -6.97 8.80
CA LEU A 99 17.21 -8.05 8.58
C LEU A 99 18.29 -8.17 9.68
N ASP A 100 18.53 -7.10 10.43
CA ASP A 100 19.38 -7.14 11.65
C ASP A 100 18.78 -7.98 12.80
N LEU A 101 17.46 -8.16 12.81
CA LEU A 101 16.75 -8.91 13.87
C LEU A 101 16.81 -10.45 13.80
N ASP A 102 17.51 -11.01 12.80
CA ASP A 102 17.70 -12.47 12.67
C ASP A 102 16.39 -13.27 12.55
N ILE A 103 15.58 -12.85 11.60
CA ILE A 103 14.36 -13.57 11.26
C ILE A 103 14.69 -14.71 10.30
N GLU A 104 13.71 -15.56 10.05
CA GLU A 104 13.95 -16.75 9.27
C GLU A 104 13.54 -16.60 7.79
N GLY A 105 13.07 -15.43 7.37
CA GLY A 105 12.79 -15.19 5.97
C GLY A 105 12.23 -13.80 5.71
N ILE A 106 12.44 -13.30 4.51
CA ILE A 106 11.72 -12.09 4.07
C ILE A 106 11.22 -12.23 2.64
N VAL A 107 9.97 -11.89 2.44
CA VAL A 107 9.37 -11.94 1.13
C VAL A 107 8.84 -10.53 0.86
N LEU A 108 9.13 -10.01 -0.33
CA LEU A 108 8.61 -8.72 -0.73
C LEU A 108 7.33 -8.95 -1.54
N LYS A 109 6.30 -8.12 -1.30
CA LYS A 109 5.02 -8.19 -2.02
C LYS A 109 5.15 -7.85 -3.50
N GLN A 110 6.25 -7.20 -3.89
CA GLN A 110 6.59 -6.95 -5.30
C GLN A 110 7.21 -8.20 -5.98
N GLY A 111 7.74 -9.14 -5.19
CA GLY A 111 8.43 -10.30 -5.71
C GLY A 111 7.50 -11.36 -6.28
N ALA A 112 8.09 -12.45 -6.74
CA ALA A 112 7.37 -13.52 -7.41
C ALA A 112 6.40 -14.23 -6.47
N PRO A 113 5.31 -14.80 -7.02
CA PRO A 113 4.32 -15.48 -6.14
C PRO A 113 4.85 -16.79 -5.50
N THR A 114 5.89 -17.37 -6.08
CA THR A 114 6.48 -18.58 -5.54
C THR A 114 7.43 -18.36 -4.33
N ASP A 115 7.81 -17.12 -4.05
CA ASP A 115 8.78 -16.83 -2.97
C ASP A 115 8.34 -17.31 -1.59
N LEU A 116 7.04 -17.27 -1.32
CA LEU A 116 6.53 -17.67 -0.02
C LEU A 116 6.65 -19.19 0.18
N PRO A 117 6.14 -20.03 -0.75
CA PRO A 117 6.43 -21.46 -0.67
C PRO A 117 7.91 -21.77 -0.48
N LYS A 118 8.74 -21.10 -1.25
CA LYS A 118 10.18 -21.28 -1.23
C LYS A 118 10.80 -20.89 0.12
N ALA A 119 10.31 -19.82 0.75
CA ALA A 119 10.82 -19.42 2.08
C ALA A 119 10.40 -20.45 3.13
N LEU A 120 9.21 -21.02 2.98
CA LEU A 120 8.75 -22.10 3.87
C LEU A 120 9.62 -23.36 3.78
N ALA A 121 9.95 -23.79 2.55
CA ALA A 121 10.81 -24.94 2.35
C ALA A 121 12.19 -24.76 2.99
N ALA A 122 12.74 -23.55 2.91
CA ALA A 122 14.03 -23.25 3.55
C ALA A 122 14.01 -23.31 5.11
N LEU A 123 12.82 -23.14 5.72
CA LEU A 123 12.63 -23.27 7.18
C LEU A 123 12.83 -24.70 7.73
N GLN A 124 12.61 -25.71 6.90
CA GLN A 124 12.95 -27.10 7.25
C GLN A 124 14.45 -27.34 7.18
N LYS A 125 15.07 -26.88 6.09
CA LYS A 125 16.50 -27.07 5.86
C LYS A 125 17.40 -26.26 6.83
N GLY A 126 16.83 -25.28 7.52
CA GLY A 126 17.54 -24.53 8.57
C GLY A 126 18.18 -23.26 8.05
N PRO A 131 18.69 -17.97 6.01
CA PRO A 131 17.74 -18.11 4.91
C PRO A 131 18.22 -17.39 3.64
N GLU A 132 17.99 -18.01 2.48
CA GLU A 132 18.44 -17.45 1.19
C GLU A 132 17.85 -16.06 0.94
N SER A 133 16.58 -15.88 1.35
CA SER A 133 15.84 -14.64 1.11
C SER A 133 16.49 -13.44 1.81
N VAL A 134 17.01 -13.65 3.02
CA VAL A 134 17.72 -12.60 3.75
C VAL A 134 18.99 -12.18 3.02
N SER A 135 19.80 -13.18 2.64
CA SER A 135 21.07 -12.98 1.89
C SER A 135 20.88 -12.19 0.59
N ARG A 136 20.03 -12.72 -0.30
CA ARG A 136 19.73 -12.10 -1.60
C ARG A 136 19.34 -10.61 -1.43
N LEU A 137 18.46 -10.33 -0.48
CA LEU A 137 18.02 -8.95 -0.22
C LEU A 137 19.14 -8.09 0.38
N LEU A 138 19.99 -8.68 1.24
CA LEU A 138 21.19 -7.98 1.75
C LEU A 138 22.13 -7.58 0.61
N GLU A 139 22.32 -8.49 -0.35
CA GLU A 139 23.13 -8.21 -1.55
C GLU A 139 22.47 -7.18 -2.46
N LYS A 140 21.14 -7.27 -2.60
CA LYS A 140 20.38 -6.26 -3.33
C LYS A 140 20.59 -4.86 -2.76
N ILE A 141 20.68 -4.74 -1.43
CA ILE A 141 20.92 -3.45 -0.76
C ILE A 141 22.38 -2.98 -0.95
N SER A 142 23.35 -3.89 -0.87
CA SER A 142 24.76 -3.56 -1.07
C SER A 142 25.03 -2.94 -2.45
N ALA A 143 24.57 -3.62 -3.49
CA ALA A 143 24.77 -3.17 -4.87
C ALA A 143 23.80 -2.02 -5.21
N ARG A 150 23.55 4.20 7.98
CA ARG A 150 23.40 5.66 8.08
C ARG A 150 22.51 6.06 9.26
N LEU A 151 21.32 5.48 9.32
CA LEU A 151 20.31 5.75 10.36
C LEU A 151 20.24 4.58 11.34
N SER A 152 19.64 4.84 12.51
CA SER A 152 19.40 3.81 13.52
C SER A 152 18.02 3.15 13.34
N PRO A 153 17.80 1.94 13.92
CA PRO A 153 16.49 1.27 13.88
C PRO A 153 15.36 2.07 14.52
N LYS A 154 15.64 2.78 15.61
CA LYS A 154 14.62 3.62 16.25
C LYS A 154 14.26 4.82 15.37
N GLU A 155 15.26 5.43 14.71
CA GLU A 155 15.03 6.53 13.77
C GLU A 155 14.30 6.08 12.49
N SER A 156 14.74 4.94 11.95
CA SER A 156 14.10 4.30 10.80
C SER A 156 12.59 4.12 10.99
N GLU A 157 12.21 3.51 12.11
CA GLU A 157 10.80 3.29 12.45
C GLU A 157 9.97 4.57 12.58
N VAL A 158 10.55 5.61 13.19
CA VAL A 158 9.85 6.91 13.27
C VAL A 158 9.61 7.42 11.86
N LEU A 159 10.64 7.31 11.01
CA LEU A 159 10.54 7.75 9.61
C LEU A 159 9.52 6.95 8.81
N ARG A 160 9.47 5.63 9.02
CA ARG A 160 8.47 4.78 8.37
C ARG A 160 7.06 5.25 8.67
N LEU A 161 6.75 5.36 9.95
CA LEU A 161 5.42 5.73 10.37
C LEU A 161 5.01 7.06 9.73
N PHE A 162 5.88 8.07 9.82
CA PHE A 162 5.62 9.39 9.20
C PHE A 162 5.34 9.27 7.69
N ALA A 163 6.25 8.62 6.96
CA ALA A 163 6.12 8.44 5.51
C ALA A 163 4.90 7.62 5.07
N GLU A 164 4.41 6.73 5.93
CA GLU A 164 3.26 5.88 5.58
C GLU A 164 1.92 6.63 5.59
N GLY A 165 1.89 7.86 6.12
CA GLY A 165 0.68 8.66 6.18
C GLY A 165 0.25 9.07 7.58
N PHE A 166 0.94 8.55 8.60
CA PHE A 166 0.55 8.79 10.00
C PHE A 166 1.09 10.13 10.49
N LEU A 167 0.22 10.88 11.16
CA LEU A 167 0.62 12.11 11.86
C LEU A 167 1.58 11.80 13.03
N VAL A 168 2.20 12.85 13.56
CA VAL A 168 3.11 12.72 14.70
C VAL A 168 2.35 12.24 15.94
N THR A 169 1.13 12.76 16.13
CA THR A 169 0.22 12.30 17.18
C THR A 169 0.04 10.78 17.14
N GLU A 170 -0.39 10.28 15.98
CA GLU A 170 -0.62 8.85 15.78
C GLU A 170 0.66 8.00 15.99
N ILE A 171 1.81 8.58 15.61
CA ILE A 171 3.13 7.93 15.77
C ILE A 171 3.59 7.76 17.23
N ALA A 172 3.11 8.60 18.13
CA ALA A 172 3.43 8.44 19.56
C ALA A 172 2.88 7.13 20.11
N LYS A 173 1.57 6.93 19.95
CA LYS A 173 0.85 5.81 20.57
C LYS A 173 1.29 4.41 20.12
N LYS A 174 1.81 4.30 18.89
CA LYS A 174 2.29 3.01 18.38
C LYS A 174 3.67 2.59 18.92
N LEU A 175 4.41 3.53 19.53
CA LEU A 175 5.71 3.26 20.17
C LEU A 175 5.74 3.45 21.69
N ASN A 176 4.68 4.01 22.27
CA ASN A 176 4.68 4.51 23.64
C ASN A 176 5.91 5.39 23.96
N ARG A 177 6.31 6.16 22.95
CA ARG A 177 7.23 7.26 23.09
C ARG A 177 6.35 8.49 22.92
N SER A 178 6.70 9.56 23.63
CA SER A 178 5.89 10.78 23.67
C SER A 178 5.99 11.56 22.35
N ILE A 179 5.25 12.66 22.26
CA ILE A 179 5.33 13.57 21.12
C ILE A 179 6.73 14.18 20.96
N LYS A 180 7.37 14.55 22.07
CA LYS A 180 8.73 15.12 22.05
C LYS A 180 9.81 14.14 21.55
N THR A 181 9.73 12.88 22.00
CA THR A 181 10.73 11.85 21.66
C THR A 181 10.70 11.41 20.17
N ILE A 182 9.50 11.21 19.64
CA ILE A 182 9.31 10.97 18.19
C ILE A 182 9.64 12.20 17.32
N SER A 183 9.28 13.40 17.80
CA SER A 183 9.64 14.66 17.11
C SER A 183 11.15 14.90 17.04
N SER A 184 11.86 14.54 18.12
CA SER A 184 13.31 14.74 18.23
C SER A 184 14.09 13.75 17.37
N GLN A 185 13.68 12.49 17.36
CA GLN A 185 14.25 11.46 16.48
C GLN A 185 14.01 11.77 15.00
N LYS A 186 12.83 12.33 14.69
CA LYS A 186 12.50 12.81 13.34
C LYS A 186 13.44 13.94 12.89
N LYS A 187 13.56 14.96 13.74
CA LYS A 187 14.46 16.09 13.48
C LYS A 187 15.93 15.66 13.41
N SER A 188 16.30 14.67 14.23
CA SER A 188 17.63 14.05 14.15
C SER A 188 17.81 13.31 12.83
N ALA A 189 16.89 12.39 12.54
CA ALA A 189 16.94 11.59 11.31
C ALA A 189 16.94 12.46 10.05
N MET A 190 16.08 13.48 10.02
CA MET A 190 16.06 14.48 8.94
C MET A 190 17.43 15.13 8.70
N MET A 191 18.03 15.67 9.76
CA MET A 191 19.38 16.25 9.68
C MET A 191 20.45 15.18 9.38
N LYS A 192 20.25 13.97 9.89
CA LYS A 192 21.17 12.85 9.62
C LYS A 192 21.14 12.40 8.15
N LEU A 193 19.95 12.41 7.53
CA LEU A 193 19.80 12.05 6.11
C LEU A 193 20.30 13.13 5.14
N GLY A 194 20.10 14.40 5.49
CA GLY A 194 20.47 15.54 4.62
C GLY A 194 19.29 16.41 4.20
N VAL A 195 18.07 16.04 4.59
CA VAL A 195 16.87 16.85 4.36
C VAL A 195 16.65 17.80 5.54
N GLU A 196 16.07 18.97 5.26
CA GLU A 196 15.73 19.95 6.28
C GLU A 196 14.22 20.22 6.29
N ASN A 197 13.45 19.34 5.65
CA ASN A 197 12.07 19.63 5.32
C ASN A 197 11.25 18.35 5.16
N ASP A 198 10.01 18.38 5.61
CA ASP A 198 9.10 17.24 5.46
C ASP A 198 9.00 16.84 3.99
N ILE A 199 8.86 17.82 3.10
CA ILE A 199 8.70 17.53 1.67
C ILE A 199 9.97 16.90 1.09
N ALA A 200 11.13 17.42 1.51
CA ALA A 200 12.42 16.87 1.12
C ALA A 200 12.67 15.47 1.67
N LEU A 201 12.02 15.15 2.79
CA LEU A 201 12.10 13.84 3.41
C LEU A 201 11.43 12.73 2.58
N LEU A 202 10.26 13.02 2.02
CA LEU A 202 9.56 12.07 1.14
C LEU A 202 10.26 11.92 -0.20
N ASN A 203 10.79 13.02 -0.71
CA ASN A 203 11.52 13.00 -1.98
C ASN A 203 12.82 12.18 -1.86
N TYR A 204 13.47 12.24 -0.69
CA TYR A 204 14.61 11.36 -0.42
C TYR A 204 14.19 9.89 -0.45
N LEU A 205 13.10 9.56 0.24
CA LEU A 205 12.62 8.18 0.35
C LEU A 205 12.35 7.54 -1.02
N SER A 206 11.71 8.30 -1.93
CA SER A 206 11.52 7.90 -3.32
C SER A 206 12.81 7.43 -4.00
N SER A 207 13.83 8.28 -3.97
CA SER A 207 15.10 8.03 -4.69
C SER A 207 16.00 6.96 -4.08
N VAL A 208 15.76 6.59 -2.81
CA VAL A 208 16.47 5.49 -2.15
C VAL A 208 15.78 4.13 -2.33
N THR A 209 14.53 4.15 -2.81
CA THR A 209 13.70 2.97 -2.98
C THR A 209 14.34 1.84 -3.81
N LEU A 210 14.17 0.59 -3.36
CA LEU A 210 14.59 -0.57 -4.15
C LEU A 210 13.71 -0.72 -5.39
N ASN B 2 -25.54 -14.74 -17.17
CA ASN B 2 -24.58 -13.75 -17.76
C ASN B 2 -23.17 -13.88 -17.17
N ASN B 3 -22.30 -14.61 -17.87
CA ASN B 3 -20.89 -14.68 -17.46
C ASN B 3 -20.24 -13.31 -17.61
N MET B 4 -19.29 -13.05 -16.71
CA MET B 4 -18.52 -11.83 -16.72
C MET B 4 -17.07 -12.22 -16.85
N ASN B 5 -16.42 -11.76 -17.92
CA ASN B 5 -14.99 -11.92 -18.13
C ASN B 5 -14.24 -10.80 -17.45
N VAL B 6 -13.27 -11.17 -16.63
CA VAL B 6 -12.62 -10.25 -15.71
C VAL B 6 -11.13 -10.18 -15.97
N ILE B 7 -10.63 -8.94 -16.07
CA ILE B 7 -9.21 -8.67 -16.08
C ILE B 7 -8.85 -8.11 -14.71
N ILE B 8 -7.74 -8.60 -14.17
CA ILE B 8 -7.22 -8.13 -12.89
C ILE B 8 -5.86 -7.51 -13.11
N ALA B 9 -5.61 -6.39 -12.45
CA ALA B 9 -4.32 -5.74 -12.54
C ALA B 9 -3.86 -5.25 -11.17
N ASP B 10 -2.67 -5.68 -10.76
CA ASP B 10 -2.02 -5.19 -9.54
C ASP B 10 -0.54 -5.50 -9.63
N ASP B 11 0.31 -4.60 -9.13
CA ASP B 11 1.76 -4.83 -9.15
C ASP B 11 2.31 -5.81 -8.09
N HIS B 12 1.44 -6.31 -7.20
CA HIS B 12 1.82 -7.28 -6.19
C HIS B 12 1.20 -8.63 -6.51
N PRO B 13 2.01 -9.61 -6.92
CA PRO B 13 1.39 -10.90 -7.32
C PRO B 13 0.60 -11.59 -6.21
N ILE B 14 0.91 -11.32 -4.93
CA ILE B 14 0.16 -11.89 -3.82
C ILE B 14 -1.28 -11.39 -3.80
N VAL B 15 -1.47 -10.14 -4.16
CA VAL B 15 -2.80 -9.56 -4.28
C VAL B 15 -3.57 -10.21 -5.44
N LEU B 16 -2.90 -10.45 -6.58
CA LEU B 16 -3.53 -11.08 -7.73
C LEU B 16 -4.07 -12.44 -7.35
N PHE B 17 -3.27 -13.21 -6.61
CA PHE B 17 -3.69 -14.53 -6.09
C PHE B 17 -4.89 -14.40 -5.16
N GLY B 18 -4.84 -13.40 -4.30
CA GLY B 18 -5.96 -13.09 -3.42
C GLY B 18 -7.24 -12.80 -4.19
N ILE B 19 -7.14 -11.97 -5.23
CA ILE B 19 -8.33 -11.60 -5.99
C ILE B 19 -8.94 -12.85 -6.62
N ARG B 20 -8.10 -13.71 -7.22
CA ARG B 20 -8.57 -15.00 -7.76
C ARG B 20 -9.15 -15.87 -6.65
N LYS B 21 -8.44 -15.99 -5.53
CA LYS B 21 -8.95 -16.73 -4.36
C LYS B 21 -10.34 -16.26 -3.92
N SER B 22 -10.59 -14.96 -3.94
CA SER B 22 -11.89 -14.46 -3.52
C SER B 22 -12.96 -14.56 -4.62
N LEU B 23 -12.53 -14.75 -5.88
CA LEU B 23 -13.42 -14.89 -7.04
C LEU B 23 -13.71 -16.34 -7.48
N GLU B 24 -12.98 -17.32 -6.91
CA GLU B 24 -13.16 -18.73 -7.27
C GLU B 24 -14.56 -19.25 -6.90
N GLN B 25 -15.11 -18.75 -5.79
CA GLN B 25 -16.47 -19.11 -5.35
C GLN B 25 -17.62 -18.47 -6.17
N ILE B 26 -17.30 -17.54 -7.08
CA ILE B 26 -18.30 -16.87 -7.90
C ILE B 26 -18.31 -17.56 -9.26
N GLU B 27 -19.37 -18.31 -9.53
CA GLU B 27 -19.45 -19.20 -10.70
C GLU B 27 -19.48 -18.45 -12.03
N TRP B 28 -20.08 -17.27 -12.03
CA TRP B 28 -20.28 -16.49 -13.25
C TRP B 28 -19.10 -15.57 -13.58
N VAL B 29 -18.06 -15.58 -12.75
CA VAL B 29 -16.84 -14.82 -13.02
C VAL B 29 -15.82 -15.73 -13.71
N ASN B 30 -15.27 -15.22 -14.82
CA ASN B 30 -14.18 -15.84 -15.54
C ASN B 30 -13.01 -14.85 -15.67
N VAL B 31 -11.84 -15.24 -15.17
CA VAL B 31 -10.63 -14.42 -15.26
C VAL B 31 -9.87 -14.74 -16.56
N VAL B 32 -9.93 -13.81 -17.50
CA VAL B 32 -9.28 -13.92 -18.81
C VAL B 32 -7.90 -13.26 -18.89
N GLY B 33 -7.42 -12.62 -17.81
CA GLY B 33 -6.09 -12.00 -17.81
C GLY B 33 -5.67 -11.38 -16.49
N GLU B 34 -4.38 -11.48 -16.17
CA GLU B 34 -3.75 -10.91 -14.99
C GLU B 34 -2.55 -10.09 -15.43
N PHE B 35 -2.43 -8.85 -14.97
CA PHE B 35 -1.30 -8.00 -15.34
C PHE B 35 -0.75 -7.23 -14.16
N GLU B 36 0.55 -6.95 -14.21
CA GLU B 36 1.28 -6.35 -13.09
C GLU B 36 1.85 -4.98 -13.35
N ASP B 37 1.57 -4.40 -14.51
CA ASP B 37 2.01 -3.05 -14.85
C ASP B 37 1.11 -2.50 -15.95
N SER B 38 1.06 -1.18 -16.13
CA SER B 38 0.05 -0.62 -17.01
C SER B 38 0.35 -0.77 -18.51
N THR B 39 1.60 -0.94 -18.89
CA THR B 39 1.91 -1.17 -20.30
C THR B 39 1.34 -2.49 -20.73
N ALA B 40 1.66 -3.56 -19.99
CA ALA B 40 1.11 -4.91 -20.25
C ALA B 40 -0.42 -4.97 -20.23
N LEU B 41 -1.04 -4.24 -19.32
CA LEU B 41 -2.50 -4.12 -19.28
C LEU B 41 -3.07 -3.41 -20.51
N ILE B 42 -2.52 -2.25 -20.87
CA ILE B 42 -3.05 -1.52 -22.03
C ILE B 42 -2.80 -2.32 -23.32
N ASN B 43 -1.65 -3.00 -23.41
CA ASN B 43 -1.34 -3.85 -24.57
C ASN B 43 -2.30 -5.03 -24.75
N ASN B 44 -2.72 -5.66 -23.65
CA ASN B 44 -3.58 -6.86 -23.72
C ASN B 44 -5.08 -6.58 -23.70
N LEU B 45 -5.48 -5.40 -23.24
CA LEU B 45 -6.90 -5.01 -23.27
C LEU B 45 -7.59 -5.22 -24.64
N PRO B 46 -6.98 -4.76 -25.76
CA PRO B 46 -7.60 -4.99 -27.08
C PRO B 46 -7.73 -6.43 -27.57
N LYS B 47 -7.16 -7.43 -26.89
CA LYS B 47 -7.16 -8.81 -27.36
C LYS B 47 -7.84 -9.85 -26.47
N LEU B 48 -8.61 -9.43 -25.46
CA LEU B 48 -9.21 -10.39 -24.51
C LEU B 48 -10.75 -10.51 -24.47
N ASP B 49 -11.49 -9.52 -24.94
CA ASP B 49 -12.97 -9.44 -24.76
C ASP B 49 -13.33 -9.45 -23.28
N ALA B 50 -12.95 -8.37 -22.61
CA ALA B 50 -13.18 -8.20 -21.18
C ALA B 50 -14.42 -7.36 -20.97
N HIS B 51 -15.19 -7.70 -19.93
CA HIS B 51 -16.36 -6.94 -19.52
C HIS B 51 -16.07 -6.05 -18.31
N VAL B 52 -15.17 -6.51 -17.44
CA VAL B 52 -14.83 -5.81 -16.23
C VAL B 52 -13.31 -5.80 -15.99
N LEU B 53 -12.81 -4.68 -15.52
CA LEU B 53 -11.44 -4.56 -15.05
C LEU B 53 -11.47 -4.30 -13.52
N ILE B 54 -10.76 -5.13 -12.77
CA ILE B 54 -10.49 -4.91 -11.35
C ILE B 54 -9.05 -4.44 -11.30
N THR B 55 -8.83 -3.17 -10.99
CA THR B 55 -7.50 -2.57 -11.11
C THR B 55 -7.01 -1.88 -9.88
N ASP B 56 -5.71 -2.00 -9.70
CA ASP B 56 -4.95 -1.29 -8.70
C ASP B 56 -4.71 0.15 -9.18
N LEU B 57 -4.41 1.08 -8.26
CA LEU B 57 -4.06 2.47 -8.59
C LEU B 57 -2.55 2.68 -8.72
N SER B 58 -1.75 2.22 -7.74
CA SER B 58 -0.31 2.37 -7.83
C SER B 58 0.29 1.14 -8.46
N MET B 59 0.81 1.31 -9.68
CA MET B 59 1.56 0.27 -10.38
C MET B 59 2.64 0.88 -11.27
N PRO B 60 3.69 0.11 -11.58
CA PRO B 60 4.60 0.59 -12.62
C PRO B 60 3.96 0.73 -14.01
N GLY B 61 4.60 1.53 -14.83
CA GLY B 61 4.26 1.68 -16.23
C GLY B 61 4.48 3.13 -16.62
N ASP B 62 5.61 3.39 -17.27
CA ASP B 62 5.94 4.76 -17.67
C ASP B 62 5.04 5.31 -18.80
N LYS B 63 4.75 4.49 -19.81
CA LYS B 63 4.04 4.92 -21.03
C LYS B 63 2.64 5.47 -20.78
N TYR B 64 1.84 4.72 -20.03
CA TYR B 64 0.45 5.10 -19.75
C TYR B 64 0.22 5.50 -18.29
N GLY B 65 1.20 5.29 -17.43
CA GLY B 65 1.13 5.78 -16.06
C GLY B 65 0.28 4.87 -15.22
N ASP B 66 -0.17 5.40 -14.08
CA ASP B 66 -1.06 4.71 -13.17
C ASP B 66 -2.05 5.70 -12.59
N GLY B 67 -2.78 5.30 -11.56
CA GLY B 67 -3.71 6.19 -10.89
C GLY B 67 -4.86 6.73 -11.71
N ILE B 68 -5.23 7.97 -11.44
CA ILE B 68 -6.36 8.61 -12.10
C ILE B 68 -6.11 8.73 -13.59
N THR B 69 -4.88 9.07 -13.97
CA THR B 69 -4.48 9.19 -15.38
C THR B 69 -4.77 7.92 -16.15
N LEU B 70 -4.30 6.78 -15.63
CA LEU B 70 -4.56 5.51 -16.29
C LEU B 70 -6.05 5.19 -16.41
N ILE B 71 -6.84 5.51 -15.37
CA ILE B 71 -8.26 5.18 -15.39
C ILE B 71 -9.00 6.00 -16.44
N LYS B 72 -8.81 7.32 -16.42
CA LYS B 72 -9.27 8.19 -17.54
C LYS B 72 -8.92 7.62 -18.91
N TYR B 73 -7.68 7.18 -19.07
CA TYR B 73 -7.25 6.63 -20.35
C TYR B 73 -8.07 5.40 -20.72
N ILE B 74 -8.29 4.52 -19.76
CA ILE B 74 -9.14 3.36 -19.99
C ILE B 74 -10.58 3.78 -20.29
N LYS B 75 -11.11 4.79 -19.60
CA LYS B 75 -12.48 5.23 -19.89
C LYS B 75 -12.66 5.74 -21.33
N ARG B 76 -11.73 6.57 -21.80
CA ARG B 76 -11.75 7.10 -23.18
C ARG B 76 -11.76 6.01 -24.26
N HIS B 77 -10.87 5.04 -24.12
CA HIS B 77 -10.51 4.12 -25.18
C HIS B 77 -11.14 2.73 -25.06
N PHE B 78 -11.69 2.39 -23.90
CA PHE B 78 -12.50 1.18 -23.70
C PHE B 78 -13.74 1.57 -22.89
N PRO B 79 -14.64 2.36 -23.50
CA PRO B 79 -15.76 2.97 -22.76
C PRO B 79 -16.77 1.97 -22.22
N SER B 80 -16.89 0.82 -22.87
CA SER B 80 -17.81 -0.23 -22.46
C SER B 80 -17.29 -1.09 -21.32
N LEU B 81 -16.01 -0.97 -21.03
CA LEU B 81 -15.37 -1.72 -19.96
C LEU B 81 -15.81 -1.16 -18.61
N SER B 82 -16.36 -2.02 -17.75
CA SER B 82 -16.68 -1.61 -16.39
C SER B 82 -15.42 -1.65 -15.52
N ILE B 83 -15.24 -0.66 -14.65
CA ILE B 83 -14.05 -0.56 -13.85
C ILE B 83 -14.36 -0.62 -12.36
N ILE B 84 -13.70 -1.54 -11.64
CA ILE B 84 -13.67 -1.50 -10.17
C ILE B 84 -12.25 -1.30 -9.72
N VAL B 85 -12.04 -0.29 -8.90
CA VAL B 85 -10.70 -0.01 -8.37
C VAL B 85 -10.57 -0.68 -7.01
N LEU B 86 -9.47 -1.42 -6.84
CA LEU B 86 -9.14 -2.08 -5.57
C LEU B 86 -7.79 -1.52 -5.19
N THR B 87 -7.75 -0.73 -4.11
CA THR B 87 -6.59 0.07 -3.77
C THR B 87 -6.36 0.17 -2.26
N MET B 88 -5.10 0.27 -1.88
CA MET B 88 -4.73 0.58 -0.51
C MET B 88 -4.66 2.08 -0.25
N ASN B 89 -4.83 2.90 -1.29
CA ASN B 89 -4.62 4.35 -1.19
C ASN B 89 -5.92 4.96 -0.67
N ASN B 90 -6.01 5.10 0.66
CA ASN B 90 -7.24 5.65 1.30
C ASN B 90 -7.29 7.18 1.57
N ASN B 91 -6.49 7.97 0.86
CA ASN B 91 -6.51 9.44 0.99
C ASN B 91 -7.85 9.92 0.42
N PRO B 92 -8.68 10.63 1.23
CA PRO B 92 -9.99 11.10 0.78
C PRO B 92 -10.00 11.83 -0.57
N ALA B 93 -8.96 12.64 -0.81
CA ALA B 93 -8.82 13.40 -2.06
C ALA B 93 -8.64 12.50 -3.26
N ILE B 94 -7.81 11.47 -3.12
CA ILE B 94 -7.61 10.47 -4.19
C ILE B 94 -8.92 9.73 -4.49
N LEU B 95 -9.60 9.26 -3.45
CA LEU B 95 -10.83 8.50 -3.64
C LEU B 95 -11.94 9.35 -4.21
N SER B 96 -12.04 10.63 -3.80
CA SER B 96 -13.03 11.51 -4.41
C SER B 96 -12.70 11.77 -5.89
N ALA B 97 -11.41 11.91 -6.21
CA ALA B 97 -10.99 11.97 -7.61
C ALA B 97 -11.39 10.71 -8.42
N VAL B 98 -11.22 9.50 -7.87
CA VAL B 98 -11.69 8.27 -8.56
C VAL B 98 -13.22 8.23 -8.71
N LEU B 99 -13.93 8.61 -7.67
CA LEU B 99 -15.39 8.70 -7.74
C LEU B 99 -15.89 9.68 -8.80
N ASP B 100 -15.17 10.79 -8.98
CA ASP B 100 -15.49 11.75 -10.04
C ASP B 100 -15.44 11.15 -11.43
N LEU B 101 -14.68 10.07 -11.62
CA LEU B 101 -14.57 9.44 -12.94
C LEU B 101 -15.76 8.57 -13.33
N ASP B 102 -16.67 8.33 -12.40
CA ASP B 102 -17.90 7.59 -12.66
C ASP B 102 -17.56 6.21 -13.20
N ILE B 103 -16.94 5.43 -12.33
CA ILE B 103 -16.64 4.04 -12.59
C ILE B 103 -17.57 3.18 -11.74
N GLU B 104 -17.47 1.87 -11.89
CA GLU B 104 -18.46 0.96 -11.35
C GLU B 104 -18.18 0.49 -9.90
N GLY B 105 -17.11 0.95 -9.28
CA GLY B 105 -16.89 0.67 -7.87
C GLY B 105 -15.51 1.01 -7.37
N ILE B 106 -15.44 1.32 -6.08
CA ILE B 106 -14.21 1.48 -5.35
C ILE B 106 -14.17 0.55 -4.12
N VAL B 107 -13.11 -0.22 -3.98
CA VAL B 107 -12.92 -1.11 -2.83
C VAL B 107 -11.57 -0.86 -2.24
N LEU B 108 -11.50 -0.79 -0.92
CA LEU B 108 -10.24 -0.63 -0.23
C LEU B 108 -9.67 -1.98 0.17
N LYS B 109 -8.36 -2.13 -0.04
CA LYS B 109 -7.61 -3.29 0.50
C LYS B 109 -7.65 -3.34 2.03
N GLN B 110 -7.71 -2.17 2.69
CA GLN B 110 -7.93 -2.08 4.15
C GLN B 110 -9.38 -2.37 4.55
N GLY B 111 -10.26 -2.70 3.62
CA GLY B 111 -11.69 -2.89 3.92
C GLY B 111 -12.03 -4.29 4.38
N ALA B 112 -13.30 -4.66 4.20
CA ALA B 112 -13.80 -5.98 4.59
C ALA B 112 -13.49 -7.05 3.52
N PRO B 113 -13.39 -8.33 3.94
CA PRO B 113 -12.99 -9.36 2.98
C PRO B 113 -14.00 -9.57 1.85
N THR B 114 -15.28 -9.33 2.14
CA THR B 114 -16.35 -9.48 1.15
C THR B 114 -16.60 -8.25 0.26
N ASP B 115 -15.84 -7.16 0.43
CA ASP B 115 -16.12 -5.92 -0.30
C ASP B 115 -15.99 -6.09 -1.80
N LEU B 116 -14.96 -6.79 -2.25
CA LEU B 116 -14.79 -7.03 -3.69
C LEU B 116 -15.87 -7.94 -4.30
N PRO B 117 -16.16 -9.12 -3.69
CA PRO B 117 -17.27 -9.92 -4.22
C PRO B 117 -18.62 -9.18 -4.20
N LYS B 118 -18.86 -8.39 -3.16
CA LYS B 118 -20.07 -7.53 -3.09
C LYS B 118 -20.11 -6.48 -4.22
N ALA B 119 -18.97 -5.85 -4.53
CA ALA B 119 -18.88 -4.93 -5.66
C ALA B 119 -19.27 -5.59 -6.98
N LEU B 120 -18.72 -6.78 -7.21
CA LEU B 120 -19.01 -7.59 -8.40
C LEU B 120 -20.46 -8.06 -8.48
N ALA B 121 -20.99 -8.56 -7.36
CA ALA B 121 -22.40 -8.92 -7.22
C ALA B 121 -23.35 -7.78 -7.58
N ALA B 122 -23.04 -6.60 -7.07
CA ALA B 122 -23.83 -5.42 -7.35
C ALA B 122 -23.74 -5.05 -8.83
N LEU B 123 -22.54 -5.14 -9.40
CA LEU B 123 -22.36 -4.89 -10.84
C LEU B 123 -23.14 -5.86 -11.73
N GLN B 124 -23.21 -7.13 -11.37
CA GLN B 124 -24.05 -8.12 -12.06
C GLN B 124 -25.52 -7.66 -12.14
N LYS B 125 -25.99 -6.99 -11.08
CA LYS B 125 -27.34 -6.40 -11.07
C LYS B 125 -27.39 -4.93 -11.56
N GLY B 126 -26.38 -4.50 -12.34
CA GLY B 126 -26.29 -3.11 -12.81
C GLY B 126 -26.37 -2.05 -11.70
N LYS B 127 -25.86 -2.38 -10.52
CA LYS B 127 -25.87 -1.48 -9.37
C LYS B 127 -24.45 -1.23 -8.90
N LYS B 128 -24.33 -0.23 -8.03
CA LYS B 128 -23.05 0.17 -7.46
C LYS B 128 -23.05 -0.16 -5.97
N PHE B 129 -22.05 -0.93 -5.54
CA PHE B 129 -21.82 -1.18 -4.13
C PHE B 129 -20.77 -0.20 -3.66
N THR B 130 -21.07 0.50 -2.56
CA THR B 130 -20.12 1.39 -1.92
C THR B 130 -19.92 0.88 -0.50
N PRO B 131 -18.70 0.40 -0.17
CA PRO B 131 -18.46 0.04 1.21
C PRO B 131 -18.48 1.25 2.11
N GLU B 132 -18.88 1.02 3.36
CA GLU B 132 -18.91 2.02 4.42
C GLU B 132 -17.55 2.70 4.57
N SER B 133 -16.48 1.90 4.56
CA SER B 133 -15.09 2.38 4.72
C SER B 133 -14.70 3.40 3.65
N VAL B 134 -15.29 3.27 2.47
CA VAL B 134 -15.14 4.24 1.37
C VAL B 134 -16.09 5.41 1.60
N SER B 135 -17.36 5.14 1.89
CA SER B 135 -18.37 6.19 2.16
C SER B 135 -17.96 7.21 3.22
N ARG B 136 -17.38 6.73 4.32
CA ARG B 136 -17.00 7.59 5.44
C ARG B 136 -16.03 8.68 5.01
N LEU B 137 -14.91 8.32 4.39
CA LEU B 137 -13.91 9.34 4.06
C LEU B 137 -14.26 10.17 2.79
N LEU B 138 -15.16 9.64 1.97
CA LEU B 138 -15.79 10.43 0.90
C LEU B 138 -16.71 11.57 1.41
N GLU B 139 -17.37 11.35 2.54
CA GLU B 139 -18.23 12.38 3.19
C GLU B 139 -17.42 13.52 3.83
N LYS B 140 -16.16 13.26 4.14
CA LYS B 140 -15.25 14.28 4.68
C LYS B 140 -15.01 15.39 3.66
N ILE B 141 -14.72 15.00 2.43
CA ILE B 141 -14.52 15.94 1.34
C ILE B 141 -15.84 16.55 0.85
N SER B 142 -16.90 15.74 0.76
CA SER B 142 -18.23 16.22 0.41
C SER B 142 -18.68 17.32 1.37
N ALA B 143 -18.65 17.02 2.67
CA ALA B 143 -19.08 17.97 3.72
C ALA B 143 -18.28 19.29 3.73
N GLY B 144 -16.95 19.20 3.62
CA GLY B 144 -16.07 20.39 3.63
C GLY B 144 -16.43 21.42 2.55
N GLY B 145 -16.77 20.95 1.35
CA GLY B 145 -17.42 21.77 0.32
C GLY B 145 -16.53 22.37 -0.76
N TYR B 146 -15.44 21.67 -1.10
CA TYR B 146 -14.52 22.10 -2.18
C TYR B 146 -14.46 21.12 -3.36
N GLY B 147 -15.35 20.12 -3.38
CA GLY B 147 -15.37 19.09 -4.42
C GLY B 147 -15.58 19.60 -5.83
N ASP B 148 -16.36 20.67 -5.96
CA ASP B 148 -16.65 21.27 -7.27
C ASP B 148 -15.44 21.93 -7.94
N LYS B 149 -14.54 22.51 -7.14
CA LYS B 149 -13.49 23.38 -7.66
C LYS B 149 -12.30 22.62 -8.28
N ARG B 150 -11.75 23.20 -9.36
CA ARG B 150 -10.60 22.65 -10.09
CA ARG B 150 -10.60 22.64 -10.07
C ARG B 150 -9.44 23.63 -10.01
N LEU B 151 -8.24 23.12 -10.31
CA LEU B 151 -7.01 23.91 -10.22
C LEU B 151 -6.89 24.91 -11.37
N SER B 152 -6.38 26.11 -11.08
CA SER B 152 -6.05 27.08 -12.12
C SER B 152 -4.74 26.66 -12.76
N PRO B 153 -4.39 27.25 -13.92
CA PRO B 153 -3.09 26.93 -14.54
C PRO B 153 -1.91 27.27 -13.64
N LYS B 154 -2.01 28.39 -12.94
CA LYS B 154 -0.97 28.77 -11.99
C LYS B 154 -0.80 27.74 -10.90
N GLU B 155 -1.91 27.34 -10.28
CA GLU B 155 -1.92 26.32 -9.22
C GLU B 155 -1.37 24.97 -9.71
N SER B 156 -1.84 24.54 -10.88
CA SER B 156 -1.35 23.30 -11.49
C SER B 156 0.18 23.35 -11.71
N GLU B 157 0.67 24.52 -12.14
CA GLU B 157 2.10 24.76 -12.38
C GLU B 157 2.98 24.57 -11.14
N VAL B 158 2.57 25.16 -10.02
CA VAL B 158 3.27 24.97 -8.74
C VAL B 158 3.24 23.48 -8.29
N LEU B 159 2.09 22.81 -8.46
CA LEU B 159 1.93 21.44 -7.96
C LEU B 159 2.69 20.42 -8.80
N ARG B 160 2.71 20.59 -10.12
CA ARG B 160 3.48 19.74 -11.02
C ARG B 160 4.96 19.70 -10.65
N LEU B 161 5.51 20.82 -10.16
CA LEU B 161 6.91 20.88 -9.70
C LEU B 161 7.10 20.34 -8.28
N PHE B 162 6.11 20.56 -7.43
CA PHE B 162 6.05 19.84 -6.16
C PHE B 162 6.01 18.32 -6.37
N ALA B 163 5.32 17.88 -7.42
CA ALA B 163 5.26 16.45 -7.79
C ALA B 163 6.58 15.83 -8.30
N GLU B 164 7.55 16.66 -8.71
CA GLU B 164 8.92 16.19 -9.02
C GLU B 164 9.92 16.51 -7.88
N GLY B 165 9.40 16.77 -6.68
CA GLY B 165 10.20 16.89 -5.48
C GLY B 165 10.98 18.18 -5.27
N PHE B 166 10.45 19.30 -5.76
CA PHE B 166 11.07 20.61 -5.52
C PHE B 166 10.40 21.29 -4.34
N LEU B 167 11.15 22.11 -3.61
CA LEU B 167 10.61 22.81 -2.43
C LEU B 167 10.08 24.18 -2.87
N VAL B 168 9.28 24.78 -1.99
CA VAL B 168 8.65 26.09 -2.21
C VAL B 168 9.67 27.17 -2.64
N THR B 169 10.85 27.18 -2.04
CA THR B 169 11.90 28.15 -2.41
C THR B 169 12.50 27.89 -3.80
N GLU B 170 12.63 26.62 -4.19
CA GLU B 170 13.10 26.27 -5.54
C GLU B 170 12.04 26.60 -6.59
N ILE B 171 10.77 26.41 -6.26
CA ILE B 171 9.69 26.66 -7.22
C ILE B 171 9.53 28.17 -7.48
N ALA B 172 9.66 28.96 -6.41
CA ALA B 172 9.68 30.42 -6.50
C ALA B 172 10.74 30.94 -7.49
N LYS B 173 11.98 30.45 -7.35
CA LYS B 173 13.06 30.80 -8.26
C LYS B 173 12.79 30.27 -9.67
N LYS B 174 12.38 29.01 -9.77
CA LYS B 174 12.08 28.37 -11.07
C LYS B 174 10.98 29.04 -11.91
N LEU B 175 9.92 29.50 -11.25
CA LEU B 175 8.81 30.19 -11.91
C LEU B 175 8.96 31.72 -11.93
N ASN B 176 9.98 32.23 -11.23
CA ASN B 176 10.22 33.67 -11.07
C ASN B 176 9.05 34.36 -10.35
N ARG B 177 8.66 33.77 -9.22
CA ARG B 177 7.60 34.29 -8.36
C ARG B 177 8.11 34.37 -6.94
N SER B 178 7.53 35.26 -6.15
CA SER B 178 7.86 35.34 -4.73
C SER B 178 7.42 34.06 -3.97
N ILE B 179 8.01 33.90 -2.79
CA ILE B 179 7.71 32.78 -1.89
C ILE B 179 6.26 32.90 -1.41
N LYS B 180 5.86 34.12 -1.05
CA LYS B 180 4.49 34.43 -0.65
C LYS B 180 3.49 34.00 -1.71
N THR B 181 3.75 34.37 -2.96
CA THR B 181 2.84 34.01 -4.06
C THR B 181 2.78 32.49 -4.25
N ILE B 182 3.93 31.83 -4.32
CA ILE B 182 4.00 30.39 -4.43
C ILE B 182 3.25 29.69 -3.28
N SER B 183 3.42 30.18 -2.06
CA SER B 183 2.78 29.56 -0.89
C SER B 183 1.27 29.77 -0.94
N SER B 184 0.84 30.97 -1.28
CA SER B 184 -0.60 31.28 -1.43
C SER B 184 -1.27 30.40 -2.49
N GLN B 185 -0.53 30.14 -3.57
CA GLN B 185 -1.02 29.35 -4.70
C GLN B 185 -1.09 27.91 -4.31
N LYS B 186 -0.05 27.46 -3.61
CA LYS B 186 0.02 26.15 -3.06
C LYS B 186 -1.11 25.87 -2.08
N LYS B 187 -1.35 26.76 -1.12
CA LYS B 187 -2.39 26.51 -0.11
CA LYS B 187 -2.39 26.52 -0.11
C LYS B 187 -3.79 26.58 -0.72
N SER B 188 -3.99 27.43 -1.72
CA SER B 188 -5.27 27.51 -2.39
C SER B 188 -5.58 26.20 -3.15
N ALA B 189 -4.61 25.71 -3.90
CA ALA B 189 -4.69 24.38 -4.54
C ALA B 189 -5.02 23.27 -3.55
N MET B 190 -4.35 23.27 -2.41
CA MET B 190 -4.62 22.32 -1.33
C MET B 190 -6.08 22.37 -0.85
N MET B 191 -6.58 23.58 -0.59
CA MET B 191 -7.97 23.74 -0.15
C MET B 191 -8.94 23.13 -1.16
N LYS B 192 -8.68 23.36 -2.44
CA LYS B 192 -9.51 22.80 -3.52
C LYS B 192 -9.53 21.28 -3.55
N LEU B 193 -8.34 20.69 -3.41
CA LEU B 193 -8.18 19.24 -3.47
C LEU B 193 -8.58 18.54 -2.17
N GLY B 194 -8.72 19.31 -1.10
CA GLY B 194 -9.12 18.78 0.20
C GLY B 194 -8.02 18.06 0.94
N VAL B 195 -6.76 18.35 0.60
CA VAL B 195 -5.63 17.77 1.31
C VAL B 195 -5.17 18.79 2.34
N GLU B 196 -5.00 18.33 3.57
CA GLU B 196 -4.75 19.20 4.72
C GLU B 196 -3.26 19.37 5.09
N ASN B 197 -2.38 18.53 4.55
CA ASN B 197 -0.93 18.63 4.82
C ASN B 197 -0.06 18.15 3.64
N ASP B 198 1.25 18.34 3.77
CA ASP B 198 2.20 18.07 2.70
C ASP B 198 2.33 16.58 2.33
N ILE B 199 2.15 15.69 3.30
CA ILE B 199 2.26 14.24 3.01
C ILE B 199 1.04 13.82 2.18
N ALA B 200 -0.14 14.25 2.63
CA ALA B 200 -1.39 14.07 1.88
C ALA B 200 -1.31 14.62 0.46
N LEU B 201 -0.71 15.80 0.29
CA LEU B 201 -0.55 16.39 -1.04
C LEU B 201 0.33 15.56 -1.98
N LEU B 202 1.49 15.15 -1.50
CA LEU B 202 2.40 14.32 -2.32
C LEU B 202 1.77 12.99 -2.68
N ASN B 203 1.13 12.34 -1.71
CA ASN B 203 0.40 11.09 -1.99
C ASN B 203 -0.69 11.29 -3.05
N TYR B 204 -1.38 12.44 -3.01
CA TYR B 204 -2.36 12.79 -4.06
C TYR B 204 -1.68 12.94 -5.40
N LEU B 205 -0.59 13.74 -5.41
CA LEU B 205 0.22 13.97 -6.61
C LEU B 205 0.86 12.70 -7.20
N SER B 206 1.17 11.70 -6.38
CA SER B 206 1.68 10.42 -6.94
C SER B 206 0.60 9.61 -7.68
N SER B 207 -0.68 9.85 -7.39
CA SER B 207 -1.81 9.18 -8.08
C SER B 207 -2.47 9.99 -9.21
N VAL B 208 -2.11 11.27 -9.36
CA VAL B 208 -2.54 12.06 -10.52
C VAL B 208 -1.30 12.74 -11.12
N THR B 209 -1.22 12.75 -12.44
CA THR B 209 -0.12 13.40 -13.15
C THR B 209 -0.72 14.36 -14.16
N LEU B 210 -1.36 15.41 -13.62
CA LEU B 210 -1.97 16.49 -14.42
C LEU B 210 -1.81 17.85 -13.74
#